data_3VH2
#
_entry.id   3VH2
#
_cell.length_a   88.028
_cell.length_b   88.028
_cell.length_c   264.249
_cell.angle_alpha   90.00
_cell.angle_beta   90.00
_cell.angle_gamma   120.00
#
_symmetry.space_group_name_H-M   'P 31 2 1'
#
loop_
_entity.id
_entity.type
_entity.pdbx_description
1 polymer 'Ubiquitin-like modifier-activating enzyme ATG7'
2 non-polymer 'ZINC ION'
#
_entity_poly.entity_id   1
_entity_poly.type   'polypeptide(L)'
_entity_poly.pdbx_seq_one_letter_code
;GPHMSSERVLSYAPAFKSFLDTSFFQELSRLKLDVLKLDSTCQPLTVNLDLHNIPKSADQVPLFLTNRSFEKHNNKRTNE
VPLQGSIFNFNVLDEFKNLDKQLFLHQRALECWEDGIKDINKCVSFVIISFADLKKYRFYYWLGVPCFQRPSSTVLHVRP
EPSLKGLFSKCQKWFDVNYSKWVCILDADDEIVNYDKCIIRKTKVLAIRDTSTMENVPSALTKNFLSVLQYDVPDLIDFK
LLIIRQNEGSFALNATFASIDPQSSSSNPDMKVSGWERNVQGKLAPRVVDLSSLLDPLKIADQSVDLNLKLMKWRILPDL
NLDIIKNTKVLLLGAGTLGCYVSRALIAWGVRKITFVDNGTVSYSNPVRQALYNFEDCGKPKAELAAASLKRIFPLMDAT
GVKLSIPMIGHKLVNEEAQHKDFDRLRALIKEHDIIFLLVDSRESRWLPSLLSNIENKTVINAALGFDSYLVMRHGNRDE
QSSKQLGCYFCHDVVAPTDSLTDRTLDQMCTVTRPGVAMMASSLAVELMTSLLQTKYSGSETTVLGDIPHQIRGFLHNFS
ILKLETPAYEHCPACSPKVIEAFTDLGWEFVKKALEHPLYLEEISGLSVIKQEVER
;
_entity_poly.pdbx_strand_id   A
#
loop_
_chem_comp.id
_chem_comp.type
_chem_comp.name
_chem_comp.formula
ZN non-polymer 'ZINC ION' 'Zn 2'
#
# COMPACT_ATOMS: atom_id res chain seq x y z
N SER A 6 -30.49 -9.58 46.27
CA SER A 6 -29.70 -10.84 46.08
C SER A 6 -29.95 -11.46 44.71
N GLU A 7 -31.22 -11.53 44.32
CA GLU A 7 -31.59 -12.12 43.02
C GLU A 7 -31.18 -11.25 41.83
N ARG A 8 -31.43 -11.76 40.62
CA ARG A 8 -31.12 -11.03 39.39
C ARG A 8 -31.47 -11.86 38.17
N VAL A 9 -31.38 -11.23 37.01
CA VAL A 9 -31.65 -11.93 35.76
C VAL A 9 -30.31 -12.18 35.06
N LEU A 10 -30.14 -13.37 34.52
CA LEU A 10 -28.88 -13.70 33.88
C LEU A 10 -28.60 -12.98 32.58
N SER A 11 -27.49 -12.25 32.59
CA SER A 11 -27.00 -11.49 31.43
C SER A 11 -25.82 -12.28 30.86
N TYR A 12 -25.48 -12.06 29.61
CA TYR A 12 -24.39 -12.80 29.02
C TYR A 12 -23.29 -11.92 28.46
N ALA A 13 -22.34 -12.57 27.78
CA ALA A 13 -21.21 -11.90 27.16
C ALA A 13 -20.93 -12.72 25.90
N PRO A 14 -20.38 -12.08 24.85
CA PRO A 14 -20.07 -12.76 23.58
C PRO A 14 -19.18 -13.98 23.79
N ALA A 15 -19.60 -15.12 23.26
CA ALA A 15 -18.86 -16.37 23.41
C ALA A 15 -17.39 -16.31 23.01
N PHE A 16 -17.10 -15.70 21.87
CA PHE A 16 -15.73 -15.62 21.41
C PHE A 16 -15.33 -14.27 20.87
N LYS A 17 -14.02 -14.13 20.66
CA LYS A 17 -13.40 -12.95 20.10
C LYS A 17 -12.65 -13.54 18.90
N SER A 18 -12.69 -12.90 17.74
CA SER A 18 -11.99 -13.48 16.61
C SER A 18 -10.63 -12.86 16.36
N PHE A 19 -9.74 -13.72 15.86
CA PHE A 19 -8.39 -13.36 15.49
C PHE A 19 -8.08 -14.12 14.21
N LEU A 20 -8.11 -13.42 13.09
CA LEU A 20 -7.81 -14.04 11.83
C LEU A 20 -6.39 -13.66 11.44
N ASP A 21 -5.53 -14.67 11.33
CA ASP A 21 -4.14 -14.47 10.98
C ASP A 21 -3.96 -14.31 9.47
N THR A 22 -2.91 -13.60 9.06
CA THR A 22 -2.69 -13.38 7.63
C THR A 22 -2.76 -14.68 6.87
N SER A 23 -2.20 -15.73 7.45
CA SER A 23 -2.20 -17.05 6.82
C SER A 23 -3.62 -17.50 6.49
N PHE A 24 -4.58 -17.12 7.32
CA PHE A 24 -5.99 -17.48 7.11
C PHE A 24 -6.41 -16.90 5.76
N PHE A 25 -6.30 -15.58 5.65
CA PHE A 25 -6.68 -14.86 4.44
C PHE A 25 -5.90 -15.31 3.22
N GLN A 26 -4.67 -15.77 3.40
CA GLN A 26 -3.91 -16.22 2.26
C GLN A 26 -4.55 -17.50 1.76
N GLU A 27 -4.67 -18.48 2.65
CA GLU A 27 -5.30 -19.74 2.30
C GLU A 27 -6.64 -19.44 1.64
N LEU A 28 -7.40 -18.55 2.27
CA LEU A 28 -8.70 -18.16 1.74
C LEU A 28 -8.56 -17.82 0.26
N SER A 29 -7.54 -17.03 -0.08
CA SER A 29 -7.32 -16.64 -1.47
C SER A 29 -6.92 -17.80 -2.36
N ARG A 30 -5.90 -18.54 -1.95
CA ARG A 30 -5.44 -19.68 -2.74
C ARG A 30 -6.62 -20.53 -3.20
N LEU A 31 -7.62 -20.67 -2.33
CA LEU A 31 -8.80 -21.47 -2.64
C LEU A 31 -9.77 -20.78 -3.62
N LYS A 32 -9.86 -19.45 -3.55
CA LYS A 32 -10.75 -18.70 -4.43
C LYS A 32 -10.24 -18.77 -5.88
N LEU A 33 -8.93 -19.00 -6.04
CA LEU A 33 -8.34 -19.09 -7.37
C LEU A 33 -8.15 -20.53 -7.80
N ASP A 34 -8.68 -21.45 -7.01
CA ASP A 34 -8.59 -22.87 -7.30
C ASP A 34 -9.64 -23.66 -6.51
N THR A 41 -20.05 -21.14 -2.18
CA THR A 41 -20.14 -22.43 -1.48
C THR A 41 -19.92 -22.26 0.03
N CYS A 42 -19.76 -23.39 0.70
CA CYS A 42 -19.54 -23.40 2.13
C CYS A 42 -18.25 -24.18 2.37
N GLN A 43 -17.48 -23.75 3.37
CA GLN A 43 -16.20 -24.39 3.72
C GLN A 43 -16.10 -24.74 5.20
N PRO A 44 -15.70 -25.99 5.50
CA PRO A 44 -15.57 -26.44 6.89
C PRO A 44 -14.28 -25.93 7.51
N LEU A 45 -14.39 -25.40 8.72
CA LEU A 45 -13.22 -24.90 9.44
C LEU A 45 -13.18 -25.65 10.76
N THR A 46 -12.08 -25.51 11.49
CA THR A 46 -11.94 -26.17 12.80
C THR A 46 -10.86 -25.43 13.60
N VAL A 47 -11.22 -25.00 14.79
CA VAL A 47 -10.28 -24.28 15.63
C VAL A 47 -9.98 -25.06 16.89
N ASN A 48 -8.91 -24.70 17.57
CA ASN A 48 -8.56 -25.37 18.80
C ASN A 48 -8.55 -24.32 19.88
N LEU A 49 -9.61 -24.30 20.68
CA LEU A 49 -9.73 -23.31 21.74
C LEU A 49 -8.80 -23.69 22.89
N ASP A 50 -8.24 -22.68 23.54
CA ASP A 50 -7.34 -22.89 24.66
C ASP A 50 -7.94 -22.07 25.81
N LEU A 51 -8.79 -22.70 26.60
CA LEU A 51 -9.48 -22.00 27.68
C LEU A 51 -8.69 -21.77 28.97
N HIS A 52 -7.39 -21.95 28.89
CA HIS A 52 -6.49 -21.76 30.04
C HIS A 52 -5.70 -20.47 29.79
N ASN A 53 -5.12 -20.39 28.60
CA ASN A 53 -4.32 -19.25 28.14
C ASN A 53 -5.21 -18.05 27.81
N ILE A 54 -5.87 -17.45 28.80
CA ILE A 54 -6.71 -16.29 28.50
C ILE A 54 -6.20 -15.04 29.19
N PRO A 55 -5.81 -14.02 28.38
CA PRO A 55 -5.30 -12.75 28.89
C PRO A 55 -6.27 -12.03 29.82
N LYS A 56 -5.75 -11.51 30.94
CA LYS A 56 -6.58 -10.80 31.93
C LYS A 56 -7.34 -9.69 31.20
N SER A 57 -6.67 -9.15 30.19
CA SER A 57 -7.18 -8.08 29.35
C SER A 57 -8.40 -8.38 28.44
N ALA A 58 -8.67 -9.65 28.16
CA ALA A 58 -9.79 -10.03 27.28
C ALA A 58 -11.03 -10.45 28.06
N ASP A 59 -12.16 -10.55 27.37
CA ASP A 59 -13.42 -10.94 28.02
C ASP A 59 -13.93 -12.32 27.65
N GLN A 60 -13.35 -12.90 26.60
CA GLN A 60 -13.75 -14.22 26.17
C GLN A 60 -12.64 -14.98 25.47
N VAL A 61 -12.81 -16.29 25.43
CA VAL A 61 -11.87 -17.17 24.79
C VAL A 61 -11.59 -16.64 23.37
N PRO A 62 -10.30 -16.45 23.03
CA PRO A 62 -9.96 -15.96 21.71
C PRO A 62 -10.05 -17.08 20.67
N LEU A 63 -10.69 -16.78 19.54
CA LEU A 63 -10.84 -17.75 18.47
C LEU A 63 -9.73 -17.45 17.46
N PHE A 64 -8.77 -18.36 17.33
CA PHE A 64 -7.65 -18.18 16.40
C PHE A 64 -7.86 -18.91 15.09
N LEU A 65 -7.88 -18.17 13.98
CA LEU A 65 -8.06 -18.76 12.67
C LEU A 65 -6.83 -18.49 11.81
N THR A 66 -6.34 -19.56 11.20
CA THR A 66 -5.17 -19.50 10.33
C THR A 66 -5.44 -20.40 9.14
N ASN A 67 -4.44 -20.49 8.28
CA ASN A 67 -4.55 -21.31 7.10
C ASN A 67 -4.77 -22.77 7.51
N ARG A 68 -4.53 -23.08 8.77
CA ARG A 68 -4.71 -24.45 9.22
C ARG A 68 -6.15 -24.80 9.55
N SER A 69 -6.91 -23.80 9.98
CA SER A 69 -8.32 -24.00 10.33
C SER A 69 -9.05 -24.69 9.18
N PHE A 70 -8.63 -24.41 7.95
CA PHE A 70 -9.24 -24.99 6.76
C PHE A 70 -9.02 -26.48 6.67
N GLU A 71 -7.88 -26.93 7.16
CA GLU A 71 -7.50 -28.34 7.09
C GLU A 71 -8.21 -29.30 8.02
N LYS A 72 -8.15 -30.58 7.67
CA LYS A 72 -8.78 -31.64 8.44
C LYS A 72 -7.85 -32.06 9.57
N HIS A 73 -6.58 -32.28 9.23
CA HIS A 73 -5.60 -32.70 10.20
C HIS A 73 -5.00 -31.53 10.98
N ASN A 74 -5.71 -31.09 12.02
CA ASN A 74 -5.22 -30.02 12.91
C ASN A 74 -4.68 -30.88 14.04
N ASN A 75 -4.05 -30.28 15.04
CA ASN A 75 -3.57 -31.11 16.12
C ASN A 75 -3.54 -30.37 17.42
N LYS A 76 -4.67 -30.46 18.11
CA LYS A 76 -4.86 -29.82 19.40
C LYS A 76 -3.77 -30.27 20.34
N ARG A 77 -3.60 -29.52 21.42
CA ARG A 77 -2.63 -29.85 22.44
C ARG A 77 -3.46 -30.21 23.66
N THR A 78 -2.86 -30.89 24.62
CA THR A 78 -3.60 -31.27 25.79
C THR A 78 -4.37 -30.06 26.33
N ASN A 79 -5.61 -30.34 26.74
CA ASN A 79 -6.53 -29.35 27.30
C ASN A 79 -7.22 -28.39 26.33
N GLU A 80 -6.96 -28.53 25.04
CA GLU A 80 -7.59 -27.66 24.06
C GLU A 80 -8.92 -28.29 23.67
N VAL A 81 -9.90 -27.44 23.35
CA VAL A 81 -11.23 -27.88 22.95
C VAL A 81 -11.45 -27.65 21.45
N PRO A 82 -11.52 -28.73 20.65
CA PRO A 82 -11.73 -28.58 19.20
C PRO A 82 -13.15 -28.08 18.98
N LEU A 83 -13.29 -27.09 18.10
CA LEU A 83 -14.60 -26.49 17.79
C LEU A 83 -14.83 -26.46 16.29
N GLN A 84 -15.91 -27.11 15.84
CA GLN A 84 -16.22 -27.15 14.43
C GLN A 84 -16.88 -25.85 13.95
N GLY A 85 -16.49 -25.38 12.76
CA GLY A 85 -17.04 -24.16 12.22
C GLY A 85 -17.08 -24.14 10.70
N SER A 86 -17.48 -23.02 10.12
CA SER A 86 -17.56 -22.93 8.67
C SER A 86 -17.50 -21.51 8.11
N ILE A 87 -17.14 -21.43 6.83
CA ILE A 87 -17.06 -20.15 6.17
C ILE A 87 -17.83 -20.16 4.85
N PHE A 88 -18.59 -19.08 4.63
CA PHE A 88 -19.36 -18.92 3.42
C PHE A 88 -18.70 -17.77 2.71
N ASN A 89 -18.14 -18.06 1.54
CA ASN A 89 -17.46 -17.05 0.77
C ASN A 89 -18.36 -16.55 -0.34
N PHE A 90 -18.22 -15.26 -0.65
CA PHE A 90 -18.98 -14.65 -1.73
C PHE A 90 -18.05 -13.98 -2.73
N ASN A 91 -18.45 -14.04 -4.00
CA ASN A 91 -17.68 -13.42 -5.06
C ASN A 91 -18.24 -12.02 -5.30
N VAL A 92 -19.55 -11.87 -5.11
CA VAL A 92 -20.17 -10.57 -5.30
C VAL A 92 -20.19 -9.79 -3.98
N LEU A 93 -19.53 -8.65 -3.96
CA LEU A 93 -19.49 -7.81 -2.77
C LEU A 93 -20.89 -7.35 -2.39
N ASP A 94 -21.74 -7.20 -3.40
CA ASP A 94 -23.12 -6.77 -3.16
C ASP A 94 -23.86 -7.90 -2.45
N GLU A 95 -23.70 -9.13 -2.93
CA GLU A 95 -24.35 -10.27 -2.30
C GLU A 95 -24.04 -10.33 -0.81
N PHE A 96 -22.76 -10.16 -0.50
CA PHE A 96 -22.29 -10.15 0.88
C PHE A 96 -23.10 -9.08 1.61
N LYS A 97 -22.96 -7.82 1.20
CA LYS A 97 -23.69 -6.72 1.83
C LYS A 97 -25.18 -7.01 1.91
N ASN A 98 -25.77 -7.36 0.78
CA ASN A 98 -27.21 -7.65 0.70
C ASN A 98 -27.52 -9.12 0.99
N LEU A 99 -27.38 -9.46 2.27
CA LEU A 99 -27.65 -10.81 2.76
C LEU A 99 -28.47 -10.54 4.01
N ASP A 100 -29.33 -11.47 4.38
CA ASP A 100 -30.09 -11.23 5.58
C ASP A 100 -29.20 -11.68 6.70
N LYS A 101 -28.45 -10.74 7.29
CA LYS A 101 -27.56 -11.09 8.38
C LYS A 101 -28.36 -11.86 9.44
N GLN A 102 -29.55 -11.33 9.74
CA GLN A 102 -30.45 -11.91 10.73
C GLN A 102 -30.95 -13.29 10.39
N LEU A 103 -31.41 -13.46 9.15
CA LEU A 103 -31.93 -14.72 8.69
C LEU A 103 -30.86 -15.78 8.65
N PHE A 104 -29.67 -15.40 8.17
CA PHE A 104 -28.54 -16.30 8.06
C PHE A 104 -28.14 -16.90 9.41
N LEU A 105 -27.95 -16.05 10.41
CA LEU A 105 -27.59 -16.55 11.73
C LEU A 105 -28.71 -17.44 12.24
N HIS A 106 -29.95 -17.06 11.94
CA HIS A 106 -31.11 -17.83 12.38
C HIS A 106 -31.16 -19.22 11.71
N GLN A 107 -30.72 -19.31 10.46
CA GLN A 107 -30.71 -20.58 9.73
C GLN A 107 -29.66 -21.51 10.32
N ARG A 108 -28.63 -20.91 10.91
CA ARG A 108 -27.55 -21.64 11.56
C ARG A 108 -28.06 -22.14 12.89
N ALA A 109 -28.51 -21.21 13.71
CA ALA A 109 -29.04 -21.53 15.02
C ALA A 109 -30.00 -22.71 14.96
N LEU A 110 -30.66 -22.86 13.82
CA LEU A 110 -31.61 -23.95 13.65
C LEU A 110 -30.91 -25.28 13.48
N GLU A 111 -29.73 -25.26 12.88
CA GLU A 111 -28.96 -26.47 12.68
C GLU A 111 -28.36 -26.90 14.02
N CYS A 112 -27.92 -25.90 14.77
CA CYS A 112 -27.33 -26.15 16.08
C CYS A 112 -28.42 -26.76 16.96
N TRP A 113 -29.59 -26.13 16.96
CA TRP A 113 -30.71 -26.63 17.73
C TRP A 113 -31.06 -28.06 17.31
N GLU A 114 -30.96 -28.35 16.03
CA GLU A 114 -31.26 -29.70 15.58
C GLU A 114 -30.31 -30.74 16.17
N ASP A 115 -29.04 -30.38 16.32
CA ASP A 115 -28.06 -31.30 16.87
C ASP A 115 -28.05 -31.26 18.39
N GLY A 116 -28.44 -30.12 18.95
CA GLY A 116 -28.46 -29.98 20.40
C GLY A 116 -29.44 -30.91 21.07
N ILE A 117 -30.56 -31.17 20.39
CA ILE A 117 -31.59 -32.06 20.92
C ILE A 117 -31.16 -33.52 20.74
N LYS A 118 -30.10 -33.75 19.97
CA LYS A 118 -29.57 -35.10 19.75
C LYS A 118 -28.38 -35.30 20.72
N ASP A 119 -27.51 -34.28 20.84
CA ASP A 119 -26.38 -34.29 21.77
C ASP A 119 -26.15 -32.85 22.20
N ILE A 120 -26.58 -32.49 23.40
CA ILE A 120 -26.44 -31.14 23.92
C ILE A 120 -25.06 -30.55 23.67
N ASN A 121 -24.06 -31.43 23.59
CA ASN A 121 -22.68 -31.02 23.38
C ASN A 121 -22.32 -30.75 21.93
N LYS A 122 -23.32 -30.61 21.07
CA LYS A 122 -23.05 -30.35 19.67
C LYS A 122 -23.74 -29.08 19.18
N CYS A 123 -24.38 -28.36 20.09
CA CYS A 123 -25.08 -27.15 19.70
C CYS A 123 -24.15 -25.95 19.72
N VAL A 124 -22.85 -26.20 19.70
CA VAL A 124 -21.89 -25.11 19.72
C VAL A 124 -21.11 -25.08 18.41
N SER A 125 -21.09 -23.93 17.75
CA SER A 125 -20.35 -23.78 16.51
C SER A 125 -20.21 -22.31 16.13
N PHE A 126 -19.33 -22.03 15.17
CA PHE A 126 -19.13 -20.67 14.69
C PHE A 126 -19.23 -20.63 13.17
N VAL A 127 -19.45 -19.44 12.61
CA VAL A 127 -19.57 -19.30 11.17
C VAL A 127 -18.97 -17.98 10.72
N ILE A 128 -18.42 -17.99 9.51
CA ILE A 128 -17.82 -16.78 8.97
C ILE A 128 -18.35 -16.50 7.57
N ILE A 129 -18.77 -15.27 7.34
CA ILE A 129 -19.24 -14.86 6.02
C ILE A 129 -18.14 -13.94 5.54
N SER A 130 -17.78 -14.07 4.26
CA SER A 130 -16.71 -13.22 3.74
C SER A 130 -16.77 -12.94 2.25
N PHE A 131 -16.04 -11.89 1.88
CA PHE A 131 -15.89 -11.46 0.50
C PHE A 131 -14.45 -11.06 0.36
N ALA A 132 -13.77 -11.67 -0.60
CA ALA A 132 -12.35 -11.37 -0.80
C ALA A 132 -12.06 -10.59 -2.08
N ASP A 133 -11.46 -9.42 -1.91
CA ASP A 133 -11.08 -8.57 -3.04
C ASP A 133 -9.59 -8.86 -3.25
N LEU A 134 -9.30 -9.94 -3.96
CA LEU A 134 -7.93 -10.36 -4.20
C LEU A 134 -7.01 -9.36 -4.87
N LYS A 135 -7.56 -8.52 -5.75
CA LYS A 135 -6.76 -7.53 -6.44
C LYS A 135 -6.32 -6.41 -5.51
N LYS A 136 -7.24 -5.88 -4.71
CA LYS A 136 -6.89 -4.81 -3.77
C LYS A 136 -6.45 -5.35 -2.41
N TYR A 137 -6.43 -6.67 -2.29
CA TYR A 137 -6.03 -7.35 -1.05
C TYR A 137 -6.91 -6.97 0.14
N ARG A 138 -8.14 -6.52 -0.14
CA ARG A 138 -9.09 -6.15 0.91
C ARG A 138 -9.91 -7.39 1.22
N PHE A 139 -10.17 -7.60 2.50
CA PHE A 139 -10.96 -8.74 2.95
C PHE A 139 -12.07 -8.30 3.89
N TYR A 140 -13.29 -8.71 3.55
CA TYR A 140 -14.49 -8.41 4.33
C TYR A 140 -14.96 -9.72 4.94
N TYR A 141 -15.14 -9.72 6.26
CA TYR A 141 -15.61 -10.93 6.91
C TYR A 141 -16.38 -10.59 8.18
N TRP A 142 -17.23 -11.52 8.60
CA TRP A 142 -18.01 -11.34 9.81
C TRP A 142 -18.11 -12.66 10.56
N LEU A 143 -17.66 -12.67 11.80
CA LEU A 143 -17.75 -13.87 12.60
C LEU A 143 -19.10 -13.94 13.29
N GLY A 144 -19.73 -15.09 13.20
CA GLY A 144 -21.03 -15.28 13.83
C GLY A 144 -21.09 -16.54 14.66
N VAL A 145 -21.52 -16.39 15.91
CA VAL A 145 -21.65 -17.51 16.83
C VAL A 145 -23.13 -17.73 17.15
N PRO A 146 -23.72 -18.79 16.57
CA PRO A 146 -25.14 -19.12 16.78
C PRO A 146 -25.54 -19.28 18.25
N CYS A 147 -26.27 -18.29 18.76
CA CYS A 147 -26.74 -18.34 20.14
C CYS A 147 -28.24 -18.21 20.17
N PHE A 148 -28.93 -19.33 20.39
CA PHE A 148 -30.38 -19.36 20.44
C PHE A 148 -30.98 -19.46 21.84
N GLN A 149 -32.12 -18.80 22.00
CA GLN A 149 -32.87 -18.75 23.25
C GLN A 149 -34.33 -19.11 22.96
N ARG A 150 -34.72 -20.32 23.38
CA ARG A 150 -36.06 -20.85 23.13
C ARG A 150 -36.72 -21.56 24.32
N PRO A 151 -37.91 -21.09 24.74
CA PRO A 151 -38.62 -19.94 24.13
C PRO A 151 -38.04 -18.58 24.54
N SER A 152 -38.21 -17.61 23.66
CA SER A 152 -37.71 -16.25 23.88
C SER A 152 -38.27 -15.61 25.15
N SER A 153 -39.47 -16.03 25.50
CA SER A 153 -40.18 -15.53 26.69
C SER A 153 -39.50 -15.97 27.99
N THR A 154 -38.98 -17.19 28.00
CA THR A 154 -38.33 -17.75 29.17
C THR A 154 -37.00 -17.12 29.51
N VAL A 155 -36.92 -16.45 30.65
CA VAL A 155 -35.65 -15.86 31.07
C VAL A 155 -35.20 -16.70 32.27
N LEU A 156 -34.20 -16.26 33.02
CA LEU A 156 -33.73 -17.06 34.16
C LEU A 156 -33.33 -16.21 35.36
N HIS A 157 -33.99 -16.46 36.49
CA HIS A 157 -33.67 -15.74 37.72
C HIS A 157 -32.62 -16.53 38.50
N VAL A 158 -31.59 -15.83 38.94
CA VAL A 158 -30.48 -16.47 39.60
C VAL A 158 -30.02 -15.80 40.92
N ARG A 159 -29.47 -16.59 41.84
CA ARG A 159 -28.99 -16.08 43.12
C ARG A 159 -27.63 -16.72 43.40
N PRO A 160 -26.64 -15.92 43.79
CA PRO A 160 -25.33 -16.51 44.06
C PRO A 160 -25.37 -17.63 45.09
N GLU A 161 -24.28 -18.39 45.14
CA GLU A 161 -24.13 -19.47 46.12
C GLU A 161 -22.63 -19.51 46.44
N PRO A 162 -22.30 -19.42 47.73
CA PRO A 162 -20.91 -19.46 48.17
C PRO A 162 -20.08 -20.51 47.43
N SER A 163 -18.96 -20.07 46.86
CA SER A 163 -18.08 -20.94 46.12
C SER A 163 -17.97 -22.34 46.71
N LEU A 164 -17.59 -23.27 45.83
CA LEU A 164 -17.39 -24.67 46.16
C LEU A 164 -16.19 -25.04 45.29
N LYS A 165 -15.02 -24.58 45.71
CA LYS A 165 -13.78 -24.85 44.98
C LYS A 165 -13.61 -26.36 44.81
N GLY A 166 -14.24 -27.13 45.71
CA GLY A 166 -14.16 -28.58 45.63
C GLY A 166 -14.88 -29.04 44.38
N LEU A 167 -16.14 -28.62 44.27
CA LEU A 167 -17.00 -28.94 43.14
C LEU A 167 -16.45 -28.36 41.83
N PHE A 168 -16.05 -27.10 41.88
CA PHE A 168 -15.51 -26.44 40.70
C PHE A 168 -14.32 -27.21 40.15
N SER A 169 -13.32 -27.44 40.99
CA SER A 169 -12.13 -28.16 40.56
C SER A 169 -12.52 -29.49 39.96
N LYS A 170 -13.41 -30.20 40.65
CA LYS A 170 -13.89 -31.48 40.16
C LYS A 170 -14.30 -31.32 38.69
N CYS A 171 -15.20 -30.36 38.44
CA CYS A 171 -15.70 -30.09 37.10
C CYS A 171 -14.61 -29.65 36.15
N GLN A 172 -13.63 -28.90 36.65
CA GLN A 172 -12.56 -28.43 35.80
C GLN A 172 -11.76 -29.54 35.21
N LYS A 173 -11.38 -30.51 36.06
CA LYS A 173 -10.61 -31.66 35.62
C LYS A 173 -11.42 -32.41 34.57
N TRP A 174 -12.69 -32.67 34.89
CA TRP A 174 -13.58 -33.37 33.98
C TRP A 174 -13.61 -32.77 32.55
N PHE A 175 -13.81 -31.46 32.46
CA PHE A 175 -13.83 -30.79 31.17
C PHE A 175 -12.48 -30.81 30.47
N ASP A 176 -11.40 -30.75 31.25
CA ASP A 176 -10.04 -30.78 30.70
C ASP A 176 -9.90 -32.10 29.95
N VAL A 177 -10.26 -33.18 30.63
CA VAL A 177 -10.20 -34.52 30.08
C VAL A 177 -11.13 -34.72 28.89
N ASN A 178 -12.41 -34.48 29.12
CA ASN A 178 -13.48 -34.61 28.12
C ASN A 178 -13.54 -33.41 27.16
N TYR A 179 -12.54 -33.31 26.30
CA TYR A 179 -12.45 -32.20 25.38
C TYR A 179 -13.57 -32.02 24.36
N SER A 180 -14.53 -32.93 24.35
CA SER A 180 -15.63 -32.84 23.38
C SER A 180 -16.94 -32.46 24.04
N LYS A 181 -16.93 -32.40 25.37
CA LYS A 181 -18.14 -32.10 26.10
C LYS A 181 -18.17 -30.66 26.57
N TRP A 182 -19.36 -30.07 26.58
CA TRP A 182 -19.52 -28.68 27.02
C TRP A 182 -20.36 -28.65 28.28
N VAL A 183 -20.99 -29.77 28.57
CA VAL A 183 -21.83 -29.86 29.72
C VAL A 183 -21.67 -31.17 30.47
N CYS A 184 -21.76 -31.10 31.79
CA CYS A 184 -21.70 -32.30 32.58
C CYS A 184 -22.65 -32.10 33.77
N ILE A 185 -22.91 -33.19 34.48
CA ILE A 185 -23.82 -33.15 35.61
C ILE A 185 -23.39 -34.14 36.70
N LEU A 186 -24.18 -34.22 37.76
CA LEU A 186 -23.89 -35.12 38.85
C LEU A 186 -24.84 -36.32 38.82
N ASP A 187 -24.33 -37.52 39.11
CA ASP A 187 -25.16 -38.72 39.13
C ASP A 187 -25.65 -38.90 40.58
N ALA A 188 -26.35 -39.99 40.87
CA ALA A 188 -26.86 -40.21 42.22
C ALA A 188 -25.75 -40.36 43.28
N ASP A 189 -24.53 -40.66 42.84
CA ASP A 189 -23.41 -40.81 43.76
C ASP A 189 -22.63 -39.50 43.87
N ASP A 190 -23.20 -38.42 43.35
CA ASP A 190 -22.56 -37.11 43.36
C ASP A 190 -21.21 -37.16 42.64
N GLU A 191 -21.22 -37.73 41.45
CA GLU A 191 -20.00 -37.82 40.65
C GLU A 191 -20.29 -37.23 39.29
N ILE A 192 -19.28 -36.60 38.71
CA ILE A 192 -19.45 -35.97 37.41
C ILE A 192 -19.58 -36.98 36.29
N VAL A 193 -20.68 -36.84 35.56
CA VAL A 193 -21.02 -37.72 34.43
C VAL A 193 -21.56 -36.91 33.26
N ASN A 194 -21.60 -37.52 32.09
CA ASN A 194 -22.10 -36.87 30.89
C ASN A 194 -23.56 -36.46 31.08
N TYR A 195 -23.98 -35.44 30.34
CA TYR A 195 -25.35 -34.98 30.48
C TYR A 195 -26.36 -36.06 30.12
N ASP A 196 -27.39 -36.24 30.95
CA ASP A 196 -28.45 -37.22 30.71
C ASP A 196 -29.78 -36.67 31.20
N LYS A 197 -30.69 -36.39 30.26
CA LYS A 197 -31.98 -35.81 30.62
C LYS A 197 -32.67 -36.39 31.84
N CYS A 198 -32.84 -37.70 31.89
CA CYS A 198 -33.51 -38.30 33.04
C CYS A 198 -32.71 -38.18 34.33
N ILE A 199 -31.40 -38.15 34.22
CA ILE A 199 -30.59 -38.00 35.42
C ILE A 199 -30.60 -36.58 35.96
N ILE A 200 -30.50 -35.58 35.09
CA ILE A 200 -30.51 -34.22 35.58
C ILE A 200 -31.87 -33.88 36.18
N ARG A 201 -32.91 -34.46 35.59
CA ARG A 201 -34.29 -34.26 36.05
C ARG A 201 -34.37 -34.47 37.56
N LYS A 202 -33.46 -35.29 38.06
CA LYS A 202 -33.42 -35.61 39.47
C LYS A 202 -32.26 -34.96 40.21
N THR A 203 -31.04 -35.14 39.71
CA THR A 203 -29.86 -34.57 40.34
C THR A 203 -29.89 -33.04 40.39
N LYS A 204 -30.51 -32.42 39.38
CA LYS A 204 -30.69 -30.97 39.32
C LYS A 204 -29.47 -30.06 39.22
N VAL A 205 -28.30 -30.61 38.90
CA VAL A 205 -27.13 -29.77 38.77
C VAL A 205 -26.55 -29.90 37.37
N LEU A 206 -26.45 -28.76 36.68
CA LEU A 206 -25.92 -28.68 35.33
C LEU A 206 -24.63 -27.85 35.36
N ALA A 207 -23.58 -28.36 34.73
CA ALA A 207 -22.30 -27.65 34.71
C ALA A 207 -21.89 -27.31 33.27
N ILE A 208 -21.54 -26.05 33.05
CA ILE A 208 -21.15 -25.62 31.71
C ILE A 208 -19.72 -25.11 31.58
N ARG A 209 -19.10 -25.44 30.46
CA ARG A 209 -17.74 -25.02 30.17
C ARG A 209 -17.86 -23.61 29.60
N ASP A 210 -17.69 -22.62 30.47
CA ASP A 210 -17.82 -21.21 30.10
C ASP A 210 -16.63 -20.71 29.30
N THR A 211 -16.90 -19.92 28.25
CA THR A 211 -15.83 -19.37 27.41
C THR A 211 -15.77 -17.87 27.61
N SER A 212 -16.29 -17.43 28.75
CA SER A 212 -16.29 -16.01 29.08
C SER A 212 -15.46 -15.77 30.33
N THR A 213 -14.82 -14.60 30.42
CA THR A 213 -14.04 -14.27 31.60
C THR A 213 -14.81 -13.18 32.34
N MET A 214 -15.71 -12.52 31.61
CA MET A 214 -16.57 -11.45 32.14
C MET A 214 -16.96 -11.84 33.55
N GLU A 215 -16.58 -11.05 34.54
CA GLU A 215 -16.93 -11.38 35.91
C GLU A 215 -18.45 -11.53 36.05
N ASN A 216 -18.88 -12.61 36.71
CA ASN A 216 -20.29 -12.92 36.93
C ASN A 216 -21.24 -12.89 35.74
N VAL A 217 -20.67 -12.99 34.54
CA VAL A 217 -21.43 -13.00 33.30
C VAL A 217 -20.96 -14.15 32.39
N PRO A 218 -21.75 -15.22 32.31
CA PRO A 218 -21.38 -16.38 31.48
C PRO A 218 -21.44 -16.10 29.99
N SER A 219 -20.81 -16.98 29.22
CA SER A 219 -20.82 -16.85 27.77
C SER A 219 -22.30 -16.90 27.35
N ALA A 220 -22.58 -16.39 26.14
CA ALA A 220 -23.93 -16.37 25.62
C ALA A 220 -24.30 -17.74 25.07
N LEU A 221 -23.31 -18.63 25.03
CA LEU A 221 -23.57 -19.99 24.55
C LEU A 221 -24.40 -20.69 25.62
N THR A 222 -24.51 -20.07 26.79
CA THR A 222 -25.28 -20.66 27.89
C THR A 222 -26.73 -20.82 27.46
N LYS A 223 -27.23 -19.79 26.78
CA LYS A 223 -28.58 -19.77 26.28
C LYS A 223 -28.88 -21.02 25.47
N ASN A 224 -27.89 -21.47 24.69
CA ASN A 224 -28.01 -22.66 23.84
C ASN A 224 -28.33 -23.93 24.62
N PHE A 225 -27.53 -24.18 25.65
CA PHE A 225 -27.70 -25.35 26.49
C PHE A 225 -29.03 -25.26 27.24
N LEU A 226 -29.29 -24.10 27.84
CA LEU A 226 -30.55 -23.90 28.56
C LEU A 226 -31.73 -24.17 27.63
N SER A 227 -31.60 -23.80 26.36
CA SER A 227 -32.68 -24.06 25.42
C SER A 227 -32.86 -25.57 25.33
N VAL A 228 -31.77 -26.31 25.27
CA VAL A 228 -31.88 -27.75 25.17
C VAL A 228 -32.42 -28.32 26.48
N LEU A 229 -31.87 -27.86 27.60
CA LEU A 229 -32.32 -28.35 28.90
C LEU A 229 -33.84 -28.26 29.02
N GLN A 230 -34.37 -27.07 28.71
CA GLN A 230 -35.82 -26.82 28.77
C GLN A 230 -36.61 -27.80 27.94
N TYR A 231 -36.12 -28.04 26.74
CA TYR A 231 -36.76 -28.97 25.83
C TYR A 231 -36.74 -30.39 26.41
N ASP A 232 -35.65 -30.77 27.07
CA ASP A 232 -35.52 -32.11 27.65
C ASP A 232 -36.22 -32.31 28.98
N VAL A 233 -36.36 -31.25 29.75
CA VAL A 233 -37.01 -31.33 31.05
C VAL A 233 -37.97 -30.16 31.25
N PRO A 234 -39.13 -30.19 30.55
CA PRO A 234 -40.15 -29.14 30.62
C PRO A 234 -40.49 -28.72 32.05
N ASP A 235 -40.57 -29.70 32.94
CA ASP A 235 -40.91 -29.48 34.35
C ASP A 235 -39.81 -28.83 35.20
N LEU A 236 -38.58 -29.30 35.05
CA LEU A 236 -37.46 -28.74 35.80
C LEU A 236 -37.57 -27.22 35.70
N ILE A 237 -37.90 -26.58 36.81
CA ILE A 237 -38.06 -25.15 36.83
C ILE A 237 -37.02 -24.55 37.75
N ASP A 238 -36.54 -25.35 38.69
CA ASP A 238 -35.51 -24.90 39.62
C ASP A 238 -34.33 -25.85 39.59
N PHE A 239 -33.12 -25.28 39.68
CA PHE A 239 -31.94 -26.10 39.65
C PHE A 239 -30.70 -25.36 40.07
N LYS A 240 -29.56 -25.99 39.83
CA LYS A 240 -28.26 -25.44 40.18
C LYS A 240 -27.41 -25.34 38.92
N LEU A 241 -26.94 -24.12 38.61
CA LEU A 241 -26.09 -23.85 37.44
C LEU A 241 -24.67 -23.60 37.88
N LEU A 242 -23.71 -24.24 37.24
CA LEU A 242 -22.32 -24.03 37.60
C LEU A 242 -21.61 -23.52 36.36
N ILE A 243 -21.07 -22.29 36.43
CA ILE A 243 -20.31 -21.73 35.30
C ILE A 243 -18.83 -22.02 35.57
N ILE A 244 -18.31 -23.05 34.91
CA ILE A 244 -16.94 -23.45 35.12
C ILE A 244 -15.97 -22.81 34.15
N ARG A 245 -15.01 -22.09 34.72
CA ARG A 245 -13.98 -21.41 33.96
C ARG A 245 -12.64 -22.02 34.31
N GLN A 246 -11.75 -22.13 33.34
CA GLN A 246 -10.45 -22.72 33.63
C GLN A 246 -9.52 -21.75 34.32
N ASN A 247 -9.96 -21.24 35.47
CA ASN A 247 -9.18 -20.32 36.28
C ASN A 247 -9.86 -20.11 37.64
N GLU A 248 -9.94 -18.86 38.07
CA GLU A 248 -10.52 -18.56 39.37
C GLU A 248 -11.98 -18.05 39.38
N GLY A 249 -12.47 -17.63 38.22
CA GLY A 249 -13.81 -17.08 38.15
C GLY A 249 -14.99 -18.02 38.23
N SER A 250 -14.75 -19.33 38.25
CA SER A 250 -15.87 -20.29 38.31
C SER A 250 -16.83 -19.92 39.43
N PHE A 251 -18.11 -19.81 39.12
CA PHE A 251 -19.10 -19.47 40.14
C PHE A 251 -20.36 -20.35 40.09
N ALA A 252 -20.95 -20.60 41.26
CA ALA A 252 -22.16 -21.41 41.38
C ALA A 252 -23.38 -20.51 41.49
N LEU A 253 -24.48 -20.93 40.86
CA LEU A 253 -25.70 -20.13 40.83
C LEU A 253 -26.97 -20.90 41.18
N ASN A 254 -27.91 -20.23 41.84
CA ASN A 254 -29.19 -20.84 42.20
C ASN A 254 -30.21 -20.39 41.16
N ALA A 255 -30.39 -21.21 40.13
CA ALA A 255 -31.29 -20.91 39.03
C ALA A 255 -32.75 -21.26 39.24
N THR A 256 -33.60 -20.63 38.43
CA THR A 256 -35.04 -20.82 38.42
C THR A 256 -35.49 -20.27 37.08
N PHE A 257 -36.29 -21.04 36.36
CA PHE A 257 -36.79 -20.64 35.06
C PHE A 257 -38.06 -19.79 35.13
N ALA A 258 -37.96 -18.56 34.62
CA ALA A 258 -39.09 -17.65 34.60
C ALA A 258 -39.73 -17.69 33.22
N SER A 259 -40.53 -16.68 32.91
CA SER A 259 -41.21 -16.61 31.62
C SER A 259 -41.98 -15.29 31.51
N ILE A 260 -41.42 -14.35 30.76
CA ILE A 260 -42.03 -13.03 30.59
C ILE A 260 -42.94 -12.97 29.34
N ASP A 261 -44.23 -13.28 29.53
CA ASP A 261 -45.21 -13.25 28.44
C ASP A 261 -44.88 -14.24 27.31
N PRO A 269 -43.47 -21.96 20.67
CA PRO A 269 -42.00 -21.93 20.65
C PRO A 269 -41.40 -20.77 19.84
N ASP A 270 -40.98 -19.72 20.56
CA ASP A 270 -40.38 -18.57 19.90
C ASP A 270 -38.88 -18.59 20.23
N MET A 271 -38.03 -18.61 19.20
CA MET A 271 -36.59 -18.65 19.40
C MET A 271 -35.83 -17.45 18.82
N LYS A 272 -35.25 -16.62 19.71
CA LYS A 272 -34.47 -15.46 19.30
C LYS A 272 -33.01 -15.90 19.12
N VAL A 273 -32.31 -15.31 18.15
CA VAL A 273 -30.91 -15.67 17.90
C VAL A 273 -29.98 -14.45 17.83
N SER A 274 -28.88 -14.51 18.56
CA SER A 274 -27.88 -13.44 18.56
C SER A 274 -26.55 -14.11 18.24
N GLY A 275 -25.47 -13.35 18.15
CA GLY A 275 -24.19 -14.00 17.86
C GLY A 275 -23.19 -13.28 16.95
N TRP A 276 -23.60 -12.20 16.29
CA TRP A 276 -22.67 -11.49 15.42
C TRP A 276 -21.62 -10.72 16.23
N GLU A 277 -20.41 -10.70 15.71
CA GLU A 277 -19.30 -10.04 16.37
C GLU A 277 -19.20 -8.57 16.04
N ARG A 278 -18.93 -7.80 17.08
CA ARG A 278 -18.80 -6.37 16.94
C ARG A 278 -17.46 -6.09 16.28
N ASN A 279 -17.45 -5.21 15.30
CA ASN A 279 -16.21 -4.87 14.61
C ASN A 279 -15.32 -3.99 15.49
N VAL A 280 -14.12 -3.74 14.98
CA VAL A 280 -13.12 -2.94 15.66
C VAL A 280 -13.69 -1.71 16.35
N GLN A 281 -14.51 -0.96 15.61
CA GLN A 281 -15.12 0.26 16.12
C GLN A 281 -16.20 0.03 17.16
N GLY A 282 -16.68 -1.21 17.27
CA GLY A 282 -17.71 -1.49 18.26
C GLY A 282 -19.11 -1.66 17.71
N LYS A 283 -19.26 -1.37 16.41
CA LYS A 283 -20.55 -1.48 15.76
C LYS A 283 -20.81 -2.90 15.29
N LEU A 284 -22.07 -3.23 15.04
CA LEU A 284 -22.43 -4.58 14.60
C LEU A 284 -22.41 -4.74 13.09
N ALA A 285 -21.24 -4.59 12.49
CA ALA A 285 -21.10 -4.71 11.04
C ALA A 285 -19.84 -5.52 10.70
N PRO A 286 -19.64 -5.86 9.41
CA PRO A 286 -18.46 -6.62 9.00
C PRO A 286 -17.18 -5.96 9.43
N ARG A 287 -16.12 -6.75 9.38
CA ARG A 287 -14.78 -6.31 9.72
C ARG A 287 -14.04 -6.37 8.40
N VAL A 288 -13.24 -5.34 8.13
CA VAL A 288 -12.49 -5.28 6.89
C VAL A 288 -11.00 -5.09 7.19
N VAL A 289 -10.19 -5.83 6.44
CA VAL A 289 -8.76 -5.77 6.63
C VAL A 289 -8.04 -5.66 5.30
N ASP A 290 -7.15 -4.67 5.20
CA ASP A 290 -6.39 -4.41 3.99
C ASP A 290 -4.95 -4.87 4.12
N LEU A 291 -4.65 -6.05 3.58
CA LEU A 291 -3.32 -6.64 3.67
C LEU A 291 -2.43 -6.38 2.44
N SER A 292 -2.66 -5.27 1.74
CA SER A 292 -1.86 -4.97 0.57
C SER A 292 -0.43 -4.61 0.96
N SER A 293 -0.27 -3.80 2.00
CA SER A 293 1.06 -3.42 2.45
C SER A 293 1.90 -4.65 2.79
N LEU A 294 1.26 -5.78 3.04
CA LEU A 294 1.97 -7.01 3.40
C LEU A 294 2.14 -7.99 2.28
N LEU A 295 1.07 -8.19 1.51
CA LEU A 295 1.09 -9.17 0.45
C LEU A 295 1.25 -8.63 -0.96
N ASP A 296 1.08 -7.34 -1.15
CA ASP A 296 1.21 -6.77 -2.49
C ASP A 296 2.69 -6.63 -2.86
N PRO A 297 3.20 -7.55 -3.72
CA PRO A 297 4.60 -7.50 -4.13
C PRO A 297 4.99 -6.11 -4.62
N LEU A 298 4.08 -5.52 -5.38
CA LEU A 298 4.30 -4.20 -5.93
C LEU A 298 4.44 -3.15 -4.83
N LYS A 299 3.82 -3.37 -3.67
CA LYS A 299 3.93 -2.42 -2.56
C LYS A 299 5.16 -2.77 -1.70
N ILE A 300 5.44 -4.06 -1.60
CA ILE A 300 6.60 -4.52 -0.87
C ILE A 300 7.84 -4.06 -1.64
N ALA A 301 7.67 -3.95 -2.96
CA ALA A 301 8.72 -3.50 -3.86
C ALA A 301 8.98 -2.03 -3.61
N ASP A 302 7.90 -1.24 -3.71
CA ASP A 302 7.96 0.19 -3.47
C ASP A 302 8.59 0.45 -2.10
N GLN A 303 8.34 -0.45 -1.15
CA GLN A 303 8.91 -0.30 0.18
C GLN A 303 10.43 -0.30 0.16
N SER A 304 11.01 -1.36 -0.39
CA SER A 304 12.48 -1.50 -0.46
C SER A 304 13.19 -0.33 -1.13
N VAL A 305 12.66 0.10 -2.26
CA VAL A 305 13.24 1.23 -2.99
C VAL A 305 13.35 2.42 -2.03
N ASP A 306 12.39 2.50 -1.13
CA ASP A 306 12.31 3.58 -0.16
C ASP A 306 13.38 3.42 0.90
N LEU A 307 13.40 2.25 1.52
CA LEU A 307 14.36 1.93 2.58
C LEU A 307 15.80 2.09 2.15
N ASN A 308 16.09 1.77 0.89
CA ASN A 308 17.46 1.88 0.42
C ASN A 308 18.00 3.26 0.67
N LEU A 309 17.18 4.26 0.43
CA LEU A 309 17.59 5.64 0.63
C LEU A 309 17.52 6.05 2.11
N LYS A 310 16.43 5.70 2.79
CA LYS A 310 16.25 6.01 4.20
C LYS A 310 17.42 5.39 4.97
N LEU A 311 17.79 4.17 4.58
CA LEU A 311 18.91 3.48 5.22
C LEU A 311 20.21 4.16 4.89
N MET A 312 20.34 4.60 3.64
CA MET A 312 21.55 5.26 3.18
C MET A 312 21.75 6.57 3.92
N LYS A 313 20.66 7.31 4.06
CA LYS A 313 20.66 8.60 4.76
C LYS A 313 21.08 8.36 6.20
N TRP A 314 20.29 7.51 6.87
CA TRP A 314 20.48 7.15 8.26
C TRP A 314 21.91 6.78 8.66
N ARG A 315 22.57 5.90 7.92
CA ARG A 315 23.92 5.49 8.30
C ARG A 315 25.07 6.36 7.83
N ILE A 316 24.88 7.15 6.77
CA ILE A 316 25.96 7.97 6.25
C ILE A 316 25.69 9.46 6.11
N LEU A 317 24.42 9.87 6.10
CA LEU A 317 24.14 11.27 5.92
C LEU A 317 22.78 11.69 6.44
N PRO A 318 22.57 11.63 7.76
CA PRO A 318 21.29 12.01 8.34
C PRO A 318 20.78 13.38 7.91
N ASP A 319 21.68 14.28 7.53
CA ASP A 319 21.24 15.60 7.10
C ASP A 319 20.78 15.71 5.66
N LEU A 320 20.55 14.57 5.01
CA LEU A 320 20.11 14.53 3.62
C LEU A 320 18.60 14.68 3.53
N ASN A 321 18.14 15.57 2.65
CA ASN A 321 16.71 15.77 2.47
C ASN A 321 16.31 14.86 1.33
N LEU A 322 15.55 13.82 1.62
CA LEU A 322 15.15 12.94 0.55
C LEU A 322 13.85 13.36 -0.11
N ASP A 323 12.88 13.77 0.71
CA ASP A 323 11.59 14.18 0.19
C ASP A 323 11.64 15.13 -1.00
N ILE A 324 12.44 16.19 -0.87
CA ILE A 324 12.54 17.18 -1.94
C ILE A 324 12.81 16.48 -3.28
N ILE A 325 13.87 15.69 -3.33
CA ILE A 325 14.26 14.95 -4.53
C ILE A 325 13.10 14.08 -5.01
N LYS A 326 12.57 13.25 -4.10
CA LYS A 326 11.46 12.38 -4.44
C LYS A 326 10.29 13.11 -5.08
N ASN A 327 9.91 14.23 -4.48
CA ASN A 327 8.78 15.02 -4.94
C ASN A 327 9.01 16.01 -6.07
N THR A 328 10.17 15.95 -6.71
CA THR A 328 10.45 16.85 -7.82
C THR A 328 9.83 16.24 -9.07
N LYS A 329 9.17 17.06 -9.89
CA LYS A 329 8.60 16.55 -11.12
C LYS A 329 9.60 16.89 -12.20
N VAL A 330 10.31 15.88 -12.69
CA VAL A 330 11.32 16.12 -13.70
C VAL A 330 10.77 16.02 -15.11
N LEU A 331 11.25 16.91 -15.98
CA LEU A 331 10.85 16.90 -17.38
C LEU A 331 12.11 16.73 -18.20
N LEU A 332 12.17 15.61 -18.91
CA LEU A 332 13.30 15.27 -19.77
C LEU A 332 12.99 15.55 -21.22
N LEU A 333 13.73 16.48 -21.79
CA LEU A 333 13.56 16.84 -23.19
C LEU A 333 14.59 16.04 -23.98
N GLY A 334 14.10 14.94 -24.56
CA GLY A 334 14.93 14.03 -25.33
C GLY A 334 15.04 12.66 -24.67
N ALA A 335 14.52 11.62 -25.34
CA ALA A 335 14.60 10.27 -24.80
C ALA A 335 15.71 9.49 -25.52
N GLY A 336 16.77 10.20 -25.87
CA GLY A 336 17.88 9.57 -26.54
C GLY A 336 18.83 8.99 -25.52
N THR A 337 20.10 8.88 -25.90
CA THR A 337 21.12 8.31 -25.02
C THR A 337 21.18 8.96 -23.66
N LEU A 338 21.18 10.29 -23.62
CA LEU A 338 21.22 11.04 -22.37
C LEU A 338 19.92 10.88 -21.59
N GLY A 339 18.79 11.11 -22.25
CA GLY A 339 17.52 10.95 -21.56
C GLY A 339 17.38 9.63 -20.81
N CYS A 340 17.88 8.55 -21.40
CA CYS A 340 17.78 7.23 -20.78
C CYS A 340 18.63 7.10 -19.53
N TYR A 341 19.92 7.38 -19.63
CA TYR A 341 20.79 7.26 -18.49
C TYR A 341 20.40 8.20 -17.38
N VAL A 342 19.88 9.36 -17.75
CA VAL A 342 19.45 10.35 -16.76
C VAL A 342 18.22 9.87 -15.99
N SER A 343 17.20 9.47 -16.76
CA SER A 343 15.96 9.00 -16.19
C SER A 343 16.27 7.79 -15.32
N ARG A 344 17.37 7.15 -15.65
CA ARG A 344 17.83 5.96 -14.96
C ARG A 344 18.40 6.29 -13.58
N ALA A 345 19.15 7.38 -13.52
CA ALA A 345 19.78 7.84 -12.27
C ALA A 345 18.76 8.53 -11.37
N LEU A 346 17.84 9.27 -11.99
CA LEU A 346 16.79 9.95 -11.23
C LEU A 346 16.00 8.92 -10.44
N ILE A 347 15.43 7.95 -11.16
CA ILE A 347 14.65 6.87 -10.56
C ILE A 347 15.32 6.34 -9.28
N ALA A 348 16.59 6.00 -9.41
CA ALA A 348 17.38 5.46 -8.32
C ALA A 348 17.58 6.44 -7.16
N TRP A 349 17.16 7.68 -7.32
CA TRP A 349 17.27 8.69 -6.25
C TRP A 349 15.89 8.81 -5.60
N GLY A 350 14.89 8.22 -6.20
CA GLY A 350 13.56 8.29 -5.63
C GLY A 350 12.59 9.10 -6.46
N VAL A 351 13.09 9.87 -7.43
CA VAL A 351 12.22 10.68 -8.26
C VAL A 351 11.08 9.85 -8.86
N ARG A 352 9.83 10.20 -8.54
CA ARG A 352 8.66 9.46 -9.03
C ARG A 352 7.86 10.04 -10.18
N LYS A 353 8.13 11.30 -10.52
CA LYS A 353 7.42 11.96 -11.63
C LYS A 353 8.44 12.31 -12.71
N ILE A 354 8.38 11.59 -13.84
CA ILE A 354 9.29 11.87 -14.94
C ILE A 354 8.51 11.90 -16.24
N THR A 355 8.78 12.91 -17.06
CA THR A 355 8.08 13.04 -18.32
C THR A 355 9.10 13.15 -19.45
N PHE A 356 8.91 12.29 -20.44
CA PHE A 356 9.79 12.23 -21.59
C PHE A 356 9.19 12.99 -22.75
N VAL A 357 10.01 13.80 -23.40
CA VAL A 357 9.57 14.55 -24.56
C VAL A 357 10.58 14.31 -25.69
N ASP A 358 10.15 13.50 -26.66
CA ASP A 358 10.96 13.17 -27.83
C ASP A 358 10.03 12.93 -29.00
N ASN A 359 10.38 13.53 -30.13
CA ASN A 359 9.55 13.40 -31.31
C ASN A 359 9.82 12.17 -32.19
N GLY A 360 11.02 11.58 -32.08
CA GLY A 360 11.37 10.44 -32.91
C GLY A 360 10.88 9.06 -32.48
N THR A 361 11.40 8.05 -33.17
CA THR A 361 11.06 6.65 -32.89
C THR A 361 12.36 5.85 -32.66
N VAL A 362 12.23 4.67 -32.06
CA VAL A 362 13.40 3.83 -31.77
C VAL A 362 13.98 3.19 -33.03
N SER A 363 15.26 3.44 -33.29
CA SER A 363 15.95 2.88 -34.47
C SER A 363 16.87 1.70 -34.15
N TYR A 364 17.11 0.85 -35.15
CA TYR A 364 17.96 -0.33 -34.98
C TYR A 364 19.25 -0.08 -34.19
N SER A 365 19.91 1.04 -34.49
CA SER A 365 21.15 1.39 -33.82
C SER A 365 20.99 2.10 -32.49
N ASN A 366 19.80 2.04 -31.91
CA ASN A 366 19.54 2.73 -30.64
C ASN A 366 19.71 1.89 -29.38
N PRO A 367 18.98 0.77 -29.28
CA PRO A 367 19.09 -0.06 -28.09
C PRO A 367 20.46 -0.20 -27.39
N VAL A 368 21.52 -0.49 -28.14
CA VAL A 368 22.85 -0.64 -27.54
C VAL A 368 23.39 0.65 -26.89
N ARG A 369 22.95 1.80 -27.38
CA ARG A 369 23.40 3.07 -26.85
C ARG A 369 22.40 3.73 -25.90
N GLN A 370 21.16 3.86 -26.35
CA GLN A 370 20.12 4.48 -25.56
C GLN A 370 19.56 3.45 -24.57
N ALA A 371 20.04 3.56 -23.33
CA ALA A 371 19.74 2.62 -22.23
C ALA A 371 18.33 2.28 -21.72
N LEU A 372 17.31 2.40 -22.57
CA LEU A 372 15.94 2.11 -22.14
C LEU A 372 15.14 1.43 -23.24
N TYR A 373 15.85 0.87 -24.23
CA TYR A 373 15.24 0.23 -25.38
C TYR A 373 15.77 -1.16 -25.73
N ASN A 374 14.91 -1.98 -26.33
CA ASN A 374 15.23 -3.34 -26.76
C ASN A 374 15.04 -3.47 -28.26
N PHE A 375 15.68 -4.47 -28.85
CA PHE A 375 15.57 -4.71 -30.28
C PHE A 375 14.11 -4.84 -30.67
N GLU A 376 13.31 -5.43 -29.79
CA GLU A 376 11.91 -5.62 -30.11
C GLU A 376 11.11 -4.34 -30.29
N ASP A 377 11.49 -3.26 -29.60
CA ASP A 377 10.72 -2.02 -29.75
C ASP A 377 11.30 -1.10 -30.81
N CYS A 378 11.86 -1.65 -31.88
CA CYS A 378 12.37 -0.78 -32.90
C CYS A 378 11.18 -0.36 -33.76
N GLY A 379 11.25 0.86 -34.29
CA GLY A 379 10.19 1.36 -35.13
C GLY A 379 9.11 2.10 -34.35
N LYS A 380 8.87 1.68 -33.11
CA LYS A 380 7.86 2.29 -32.26
C LYS A 380 8.27 3.68 -31.79
N PRO A 381 7.28 4.55 -31.48
CA PRO A 381 7.46 5.93 -30.99
C PRO A 381 8.32 5.95 -29.73
N LYS A 382 9.48 6.58 -29.84
CA LYS A 382 10.45 6.63 -28.75
C LYS A 382 10.01 7.16 -27.40
N ALA A 383 9.56 8.41 -27.36
CA ALA A 383 9.14 9.06 -26.14
C ALA A 383 8.17 8.28 -25.26
N GLU A 384 7.11 7.76 -25.87
CA GLU A 384 6.10 7.02 -25.14
C GLU A 384 6.54 5.64 -24.69
N LEU A 385 7.65 5.19 -25.27
CA LEU A 385 8.20 3.88 -24.97
C LEU A 385 9.15 3.92 -23.80
N ALA A 386 9.87 5.03 -23.66
CA ALA A 386 10.80 5.21 -22.55
C ALA A 386 10.00 5.22 -21.25
N ALA A 387 8.88 5.93 -21.29
CA ALA A 387 7.99 6.03 -20.14
C ALA A 387 7.54 4.63 -19.76
N ALA A 388 7.17 3.86 -20.78
CA ALA A 388 6.72 2.47 -20.61
C ALA A 388 7.80 1.60 -20.00
N SER A 389 9.04 1.90 -20.38
CA SER A 389 10.19 1.18 -19.90
C SER A 389 10.51 1.46 -18.46
N LEU A 390 10.26 2.69 -18.00
CA LEU A 390 10.54 2.99 -16.60
C LEU A 390 9.53 2.23 -15.75
N LYS A 391 8.30 2.17 -16.23
CA LYS A 391 7.25 1.49 -15.50
C LYS A 391 7.47 -0.02 -15.36
N ARG A 392 8.27 -0.62 -16.26
CA ARG A 392 8.56 -2.04 -16.14
C ARG A 392 9.57 -2.22 -15.03
N ILE A 393 10.54 -1.31 -15.01
CA ILE A 393 11.60 -1.31 -14.00
C ILE A 393 10.88 -1.10 -12.68
N PHE A 394 10.19 0.03 -12.55
CA PHE A 394 9.46 0.37 -11.34
C PHE A 394 8.02 0.76 -11.68
N PRO A 395 7.07 -0.16 -11.49
CA PRO A 395 5.66 0.05 -11.78
C PRO A 395 4.96 1.30 -11.21
N LEU A 396 5.30 1.71 -10.00
CA LEU A 396 4.64 2.87 -9.42
C LEU A 396 5.04 4.19 -10.05
N MET A 397 6.20 4.23 -10.71
CA MET A 397 6.66 5.42 -11.39
C MET A 397 5.54 6.15 -12.12
N ASP A 398 5.62 7.48 -12.16
CA ASP A 398 4.64 8.25 -12.90
C ASP A 398 5.40 8.65 -14.16
N ALA A 399 5.50 7.71 -15.09
CA ALA A 399 6.23 7.95 -16.34
C ALA A 399 5.27 8.29 -17.47
N THR A 400 5.56 9.38 -18.15
CA THR A 400 4.72 9.86 -19.25
C THR A 400 5.56 10.21 -20.47
N GLY A 401 5.03 9.90 -21.64
CA GLY A 401 5.74 10.19 -22.87
C GLY A 401 4.91 11.07 -23.78
N VAL A 402 5.51 12.15 -24.28
CA VAL A 402 4.82 13.07 -25.16
C VAL A 402 5.56 13.24 -26.48
N LYS A 403 4.88 12.94 -27.60
CA LYS A 403 5.54 13.11 -28.90
C LYS A 403 5.31 14.52 -29.42
N LEU A 404 6.28 15.38 -29.17
CA LEU A 404 6.23 16.77 -29.56
C LEU A 404 7.58 17.14 -30.18
N SER A 405 7.59 18.20 -30.99
CA SER A 405 8.82 18.62 -31.64
C SER A 405 9.32 20.00 -31.25
N ILE A 406 10.61 20.10 -30.96
CA ILE A 406 11.21 21.36 -30.60
C ILE A 406 11.87 22.01 -31.81
N PRO A 407 11.26 23.06 -32.37
CA PRO A 407 11.82 23.74 -33.55
C PRO A 407 13.22 24.30 -33.29
N MET A 408 14.05 24.27 -34.34
CA MET A 408 15.43 24.74 -34.27
C MET A 408 15.62 26.14 -34.81
N ILE A 409 16.61 26.86 -34.26
CA ILE A 409 16.94 28.22 -34.69
C ILE A 409 17.56 28.15 -36.09
N GLY A 410 17.21 29.11 -36.93
CA GLY A 410 17.73 29.12 -38.28
C GLY A 410 17.20 27.89 -38.99
N HIS A 411 15.87 27.78 -39.05
CA HIS A 411 15.25 26.66 -39.71
C HIS A 411 13.85 26.93 -40.23
N LYS A 412 13.77 27.22 -41.53
CA LYS A 412 12.52 27.50 -42.23
C LYS A 412 11.32 26.87 -41.54
N LEU A 413 10.48 27.72 -40.98
CA LEU A 413 9.29 27.25 -40.31
C LEU A 413 8.55 26.35 -41.28
N VAL A 414 8.14 25.18 -40.82
CA VAL A 414 7.40 24.25 -41.66
C VAL A 414 6.05 23.96 -41.00
N ASN A 415 4.97 24.16 -41.73
CA ASN A 415 3.63 23.95 -41.21
C ASN A 415 3.49 24.74 -39.90
N GLU A 416 3.38 26.06 -40.04
CA GLU A 416 3.28 26.95 -38.89
C GLU A 416 2.21 26.63 -37.89
N GLU A 417 1.04 26.22 -38.35
CA GLU A 417 0.00 25.94 -37.40
C GLU A 417 0.43 24.88 -36.40
N ALA A 418 0.51 23.64 -36.85
CA ALA A 418 0.88 22.53 -35.99
C ALA A 418 2.14 22.79 -35.18
N GLN A 419 3.15 23.42 -35.79
CA GLN A 419 4.38 23.72 -35.07
C GLN A 419 4.15 24.71 -33.94
N HIS A 420 3.11 25.51 -34.10
CA HIS A 420 2.71 26.52 -33.12
C HIS A 420 2.21 25.75 -31.89
N LYS A 421 1.31 24.80 -32.13
CA LYS A 421 0.75 23.97 -31.05
C LYS A 421 1.88 23.33 -30.26
N ASP A 422 2.85 22.80 -30.98
CA ASP A 422 4.02 22.17 -30.40
C ASP A 422 4.70 23.18 -29.48
N PHE A 423 4.53 24.46 -29.78
CA PHE A 423 5.11 25.53 -28.98
C PHE A 423 4.30 25.77 -27.73
N ASP A 424 2.98 25.82 -27.88
CA ASP A 424 2.10 26.04 -26.74
C ASP A 424 2.14 24.84 -25.82
N ARG A 425 2.13 23.66 -26.42
CA ARG A 425 2.17 22.40 -25.69
C ARG A 425 3.49 22.22 -24.94
N LEU A 426 4.57 22.79 -25.46
CA LEU A 426 5.85 22.68 -24.79
C LEU A 426 5.88 23.57 -23.55
N ARG A 427 5.07 24.63 -23.53
CA ARG A 427 5.00 25.53 -22.37
C ARG A 427 4.23 24.86 -21.24
N ALA A 428 3.09 24.29 -21.61
CA ALA A 428 2.23 23.59 -20.67
C ALA A 428 3.05 22.60 -19.86
N LEU A 429 4.10 22.06 -20.50
CA LEU A 429 4.97 21.09 -19.87
C LEU A 429 6.11 21.73 -19.09
N ILE A 430 6.86 22.64 -19.72
CA ILE A 430 7.94 23.28 -18.99
C ILE A 430 7.32 23.91 -17.75
N LYS A 431 6.01 24.01 -17.75
CA LYS A 431 5.30 24.60 -16.64
C LYS A 431 4.91 23.60 -15.56
N GLU A 432 4.07 22.62 -15.88
CA GLU A 432 3.64 21.64 -14.87
C GLU A 432 4.78 20.88 -14.19
N HIS A 433 6.03 21.19 -14.53
CA HIS A 433 7.19 20.50 -13.93
C HIS A 433 8.10 21.40 -13.07
N ASP A 434 8.93 20.77 -12.25
CA ASP A 434 9.84 21.49 -11.36
C ASP A 434 11.24 21.71 -11.93
N ILE A 435 11.89 20.64 -12.39
CA ILE A 435 13.22 20.81 -12.99
C ILE A 435 13.18 20.37 -14.45
N ILE A 436 13.81 21.16 -15.31
CA ILE A 436 13.84 20.83 -16.73
C ILE A 436 15.23 20.37 -17.13
N PHE A 437 15.28 19.19 -17.76
CA PHE A 437 16.53 18.63 -18.26
C PHE A 437 16.55 18.85 -19.77
N LEU A 438 17.60 19.53 -20.22
CA LEU A 438 17.79 19.83 -21.62
C LEU A 438 18.80 18.85 -22.14
N LEU A 439 18.29 17.85 -22.84
CA LEU A 439 19.11 16.77 -23.38
C LEU A 439 18.85 16.62 -24.87
N VAL A 440 19.26 17.61 -25.64
CA VAL A 440 19.08 17.59 -27.09
C VAL A 440 20.44 17.46 -27.78
N ASP A 441 20.44 17.32 -29.11
CA ASP A 441 21.69 17.13 -29.86
C ASP A 441 22.52 18.38 -30.11
N SER A 442 21.90 19.38 -30.70
CA SER A 442 22.57 20.63 -31.07
C SER A 442 22.21 21.89 -30.28
N ARG A 443 23.06 22.91 -30.46
CA ARG A 443 22.89 24.21 -29.82
C ARG A 443 21.53 24.75 -30.22
N GLU A 444 21.28 24.71 -31.52
CA GLU A 444 20.05 25.19 -32.13
C GLU A 444 18.75 24.69 -31.53
N SER A 445 18.80 23.53 -30.87
CA SER A 445 17.59 23.00 -30.27
C SER A 445 17.44 23.28 -28.78
N ARG A 446 18.39 24.03 -28.22
CA ARG A 446 18.35 24.39 -26.81
C ARG A 446 17.71 25.75 -26.58
N TRP A 447 17.68 26.57 -27.61
CA TRP A 447 17.13 27.92 -27.49
C TRP A 447 15.68 28.00 -27.00
N LEU A 448 14.72 27.78 -27.89
CA LEU A 448 13.32 27.89 -27.47
C LEU A 448 13.07 27.37 -26.07
N PRO A 449 13.44 26.10 -25.77
CA PRO A 449 13.21 25.55 -24.42
C PRO A 449 13.90 26.28 -23.27
N SER A 450 15.14 26.73 -23.45
CA SER A 450 15.87 27.44 -22.39
C SER A 450 15.15 28.72 -22.03
N LEU A 451 14.71 29.45 -23.06
CA LEU A 451 13.98 30.69 -22.84
C LEU A 451 12.69 30.35 -22.09
N LEU A 452 11.81 29.59 -22.73
CA LEU A 452 10.55 29.19 -22.10
C LEU A 452 10.73 28.81 -20.63
N SER A 453 11.81 28.11 -20.34
CA SER A 453 12.09 27.67 -18.98
C SER A 453 12.55 28.81 -18.07
N ASN A 454 13.13 29.83 -18.66
CA ASN A 454 13.55 30.99 -17.88
C ASN A 454 12.31 31.83 -17.65
N ILE A 455 11.57 32.09 -18.73
CA ILE A 455 10.32 32.86 -18.66
C ILE A 455 9.33 32.20 -17.73
N GLU A 456 9.56 30.93 -17.41
CA GLU A 456 8.66 30.21 -16.54
C GLU A 456 9.19 30.02 -15.15
N ASN A 457 10.37 30.59 -14.91
CA ASN A 457 11.02 30.48 -13.61
C ASN A 457 11.26 29.04 -13.19
N LYS A 458 11.83 28.25 -14.09
CA LYS A 458 12.14 26.86 -13.79
C LYS A 458 13.65 26.63 -13.83
N THR A 459 14.12 25.61 -13.11
CA THR A 459 15.54 25.33 -13.09
C THR A 459 15.88 24.42 -14.28
N VAL A 460 16.90 24.82 -15.03
CA VAL A 460 17.32 24.07 -16.21
C VAL A 460 18.75 23.56 -16.10
N ILE A 461 18.92 22.26 -16.37
CA ILE A 461 20.22 21.63 -16.35
C ILE A 461 20.53 21.17 -17.77
N ASN A 462 21.71 21.50 -18.26
CA ASN A 462 22.07 21.12 -19.62
C ASN A 462 23.14 20.07 -19.76
N ALA A 463 22.93 19.18 -20.73
CA ALA A 463 23.87 18.11 -21.01
C ALA A 463 24.26 18.17 -22.48
N ALA A 464 25.52 18.40 -22.76
CA ALA A 464 25.95 18.46 -24.14
C ALA A 464 27.00 17.40 -24.35
N LEU A 465 26.98 16.78 -25.53
CA LEU A 465 27.93 15.72 -25.80
C LEU A 465 28.99 16.08 -26.84
N GLY A 466 30.19 15.58 -26.63
CA GLY A 466 31.28 15.79 -27.55
C GLY A 466 31.99 14.45 -27.66
N PHE A 467 32.68 14.18 -28.76
CA PHE A 467 33.35 12.90 -28.88
C PHE A 467 34.13 12.51 -27.61
N ASP A 468 34.95 13.44 -27.12
CA ASP A 468 35.78 13.25 -25.94
C ASP A 468 35.22 13.86 -24.66
N SER A 469 34.59 15.01 -24.79
CA SER A 469 34.06 15.75 -23.66
C SER A 469 32.53 15.86 -23.53
N TYR A 470 32.13 16.66 -22.53
CA TYR A 470 30.73 16.93 -22.24
C TYR A 470 30.64 18.19 -21.39
N LEU A 471 29.44 18.73 -21.31
CA LEU A 471 29.21 19.91 -20.51
C LEU A 471 27.86 19.80 -19.80
N VAL A 472 27.89 20.05 -18.49
CA VAL A 472 26.70 20.03 -17.66
C VAL A 472 26.66 21.37 -16.96
N MET A 473 25.48 21.98 -16.92
CA MET A 473 25.34 23.27 -16.25
C MET A 473 23.90 23.59 -15.85
N ARG A 474 23.72 24.70 -15.12
CA ARG A 474 22.42 25.11 -14.62
C ARG A 474 22.07 26.59 -14.67
N HIS A 475 20.77 26.90 -14.66
CA HIS A 475 20.29 28.27 -14.65
C HIS A 475 18.99 28.35 -13.83
N GLY A 476 19.02 29.12 -12.76
CA GLY A 476 17.85 29.23 -11.88
C GLY A 476 17.11 30.56 -11.88
N GLN A 485 22.60 36.68 -10.60
CA GLN A 485 22.18 35.71 -11.60
C GLN A 485 23.38 35.18 -12.39
N LEU A 486 23.43 33.85 -12.56
CA LEU A 486 24.49 33.19 -13.32
C LEU A 486 24.07 33.17 -14.78
N GLY A 487 25.03 32.93 -15.66
CA GLY A 487 24.71 32.90 -17.07
C GLY A 487 24.00 31.63 -17.52
N CYS A 488 23.43 31.65 -18.71
CA CYS A 488 22.76 30.47 -19.24
C CYS A 488 23.65 29.86 -20.31
N TYR A 489 23.17 28.82 -20.96
CA TYR A 489 23.97 28.18 -22.00
C TYR A 489 24.42 29.20 -23.04
N PHE A 490 23.47 29.98 -23.54
CA PHE A 490 23.70 30.98 -24.58
C PHE A 490 24.36 32.31 -24.20
N CYS A 491 24.81 32.45 -22.96
CA CYS A 491 25.43 33.71 -22.56
C CYS A 491 26.74 33.89 -23.31
N HIS A 492 27.68 33.00 -23.05
CA HIS A 492 28.96 33.04 -23.74
C HIS A 492 29.15 31.74 -24.48
N ASP A 493 29.94 31.79 -25.55
CA ASP A 493 30.19 30.59 -26.33
C ASP A 493 30.86 29.55 -25.44
N VAL A 494 30.74 28.27 -25.84
CA VAL A 494 31.35 27.20 -25.06
C VAL A 494 32.67 26.82 -25.67
N VAL A 495 32.61 26.41 -26.93
CA VAL A 495 33.82 26.03 -27.64
C VAL A 495 34.24 27.20 -28.54
N ALA A 496 35.55 27.44 -28.61
CA ALA A 496 36.09 28.50 -29.48
C ALA A 496 36.43 27.90 -30.87
N PRO A 497 36.67 28.76 -31.88
CA PRO A 497 37.01 28.19 -33.19
C PRO A 497 38.43 27.62 -33.21
N THR A 498 39.34 28.34 -32.56
CA THR A 498 40.76 27.99 -32.46
C THR A 498 40.98 26.82 -31.48
N ASP A 499 39.95 25.98 -31.32
CA ASP A 499 40.04 24.84 -30.42
C ASP A 499 40.32 23.53 -31.14
N SER A 500 40.53 22.49 -30.34
CA SER A 500 40.82 21.15 -30.86
C SER A 500 39.69 20.63 -31.73
N LEU A 501 40.03 19.66 -32.58
CA LEU A 501 39.06 19.01 -33.46
C LEU A 501 38.07 18.20 -32.61
N THR A 502 38.63 17.30 -31.81
CA THR A 502 37.84 16.44 -30.93
C THR A 502 37.16 17.24 -29.81
N ASP A 503 37.46 18.54 -29.77
CA ASP A 503 36.89 19.46 -28.78
C ASP A 503 35.66 20.14 -29.34
N ARG A 504 35.79 20.60 -30.58
CA ARG A 504 34.72 21.32 -31.24
C ARG A 504 33.50 20.50 -31.63
N THR A 505 33.51 19.22 -31.27
CA THR A 505 32.39 18.33 -31.57
C THR A 505 31.35 18.44 -30.47
N LEU A 506 31.64 19.27 -29.46
CA LEU A 506 30.74 19.46 -28.34
C LEU A 506 29.39 20.01 -28.78
N ASP A 507 28.31 19.40 -28.28
CA ASP A 507 26.95 19.80 -28.61
C ASP A 507 26.81 20.11 -30.08
N GLN A 508 27.58 19.40 -30.90
CA GLN A 508 27.58 19.62 -32.33
C GLN A 508 26.86 18.52 -33.10
N MET A 509 25.62 18.22 -32.69
CA MET A 509 24.84 17.18 -33.36
C MET A 509 25.57 15.84 -33.30
N CYS A 510 26.54 15.77 -32.41
CA CYS A 510 27.37 14.60 -32.19
C CYS A 510 26.76 13.73 -31.08
N THR A 511 25.92 12.77 -31.46
CA THR A 511 25.29 11.87 -30.51
C THR A 511 26.11 10.61 -30.33
N VAL A 512 26.71 10.13 -31.42
CA VAL A 512 27.54 8.92 -31.39
C VAL A 512 28.99 9.31 -31.06
N THR A 513 29.34 9.13 -29.79
CA THR A 513 30.66 9.47 -29.23
C THR A 513 31.22 8.29 -28.46
N ARG A 514 32.34 8.49 -27.78
CA ARG A 514 32.86 7.41 -26.97
C ARG A 514 31.72 7.19 -26.00
N PRO A 515 31.08 6.01 -26.04
CA PRO A 515 29.96 5.71 -25.15
C PRO A 515 29.98 6.32 -23.73
N GLY A 516 31.02 6.03 -22.97
CA GLY A 516 31.10 6.55 -21.62
C GLY A 516 30.78 8.03 -21.41
N VAL A 517 30.92 8.84 -22.44
CA VAL A 517 30.64 10.27 -22.30
C VAL A 517 29.24 10.53 -21.78
N ALA A 518 28.23 9.94 -22.43
CA ALA A 518 26.84 10.13 -22.03
C ALA A 518 26.57 9.59 -20.64
N MET A 519 27.28 8.54 -20.26
CA MET A 519 27.09 7.99 -18.93
C MET A 519 27.49 9.00 -17.86
N MET A 520 28.71 9.54 -17.96
CA MET A 520 29.17 10.53 -16.98
C MET A 520 28.34 11.80 -17.03
N ALA A 521 28.22 12.36 -18.23
CA ALA A 521 27.46 13.57 -18.43
C ALA A 521 26.10 13.47 -17.73
N SER A 522 25.48 12.30 -17.86
CA SER A 522 24.19 12.04 -17.25
C SER A 522 24.24 12.09 -15.74
N SER A 523 24.97 11.14 -15.14
CA SER A 523 25.06 11.08 -13.68
C SER A 523 25.48 12.38 -13.03
N LEU A 524 26.50 13.05 -13.58
CA LEU A 524 26.91 14.32 -13.00
C LEU A 524 25.75 15.30 -13.08
N ALA A 525 25.03 15.26 -14.18
CA ALA A 525 23.88 16.14 -14.37
C ALA A 525 22.80 15.87 -13.33
N VAL A 526 22.69 14.62 -12.88
CA VAL A 526 21.69 14.27 -11.88
C VAL A 526 22.23 14.56 -10.48
N GLU A 527 23.50 14.23 -10.24
CA GLU A 527 24.10 14.49 -8.93
C GLU A 527 24.15 16.00 -8.67
N LEU A 528 24.21 16.79 -9.74
CA LEU A 528 24.23 18.23 -9.56
C LEU A 528 22.83 18.67 -9.15
N MET A 529 21.82 18.12 -9.81
CA MET A 529 20.44 18.46 -9.49
C MET A 529 20.09 18.07 -8.06
N THR A 530 20.69 17.02 -7.54
CA THR A 530 20.38 16.62 -6.17
C THR A 530 21.13 17.44 -5.13
N SER A 531 22.30 17.94 -5.49
CA SER A 531 23.07 18.74 -4.56
C SER A 531 22.44 20.13 -4.51
N LEU A 532 22.06 20.60 -5.69
CA LEU A 532 21.43 21.90 -5.89
C LEU A 532 20.03 21.96 -5.28
N LEU A 533 19.46 20.79 -5.00
CA LEU A 533 18.12 20.71 -4.44
C LEU A 533 18.15 20.72 -2.92
N GLN A 534 19.35 20.77 -2.34
CA GLN A 534 19.51 20.78 -0.88
C GLN A 534 19.83 22.18 -0.40
N THR A 535 19.34 22.54 0.79
CA THR A 535 19.57 23.87 1.35
C THR A 535 21.06 24.20 1.51
N LYS A 536 21.46 25.37 1.03
CA LYS A 536 22.86 25.80 1.09
C LYS A 536 23.26 26.39 2.42
N TYR A 537 24.47 26.06 2.87
CA TYR A 537 24.96 26.59 4.13
C TYR A 537 25.22 28.09 3.97
N SER A 538 24.48 28.89 4.74
CA SER A 538 24.64 30.33 4.70
C SER A 538 26.12 30.69 4.71
N GLY A 539 26.50 31.64 3.86
CA GLY A 539 27.89 32.05 3.77
C GLY A 539 28.74 30.93 3.19
N SER A 540 28.40 30.50 1.97
CA SER A 540 29.10 29.43 1.26
C SER A 540 28.26 28.87 0.11
N GLU A 541 28.95 28.28 -0.87
CA GLU A 541 28.29 27.70 -2.03
C GLU A 541 28.33 26.17 -2.00
N THR A 542 27.79 25.60 -0.93
CA THR A 542 27.76 24.15 -0.75
C THR A 542 26.55 23.74 0.08
N THR A 543 26.25 22.44 0.07
CA THR A 543 25.15 21.86 0.85
C THR A 543 25.68 20.60 1.53
N VAL A 544 24.77 19.79 2.07
CA VAL A 544 25.17 18.56 2.75
C VAL A 544 25.74 17.51 1.79
N LEU A 545 25.47 17.71 0.49
CA LEU A 545 25.93 16.81 -0.55
C LEU A 545 27.16 17.28 -1.32
N GLY A 546 27.73 18.42 -0.93
CA GLY A 546 28.91 18.92 -1.62
C GLY A 546 28.65 20.24 -2.33
N ASP A 547 29.48 20.55 -3.33
CA ASP A 547 29.36 21.79 -4.09
C ASP A 547 28.10 21.87 -4.93
N ILE A 548 27.95 22.99 -5.62
CA ILE A 548 26.83 23.20 -6.54
C ILE A 548 27.36 24.08 -7.66
N PRO A 549 28.41 23.61 -8.37
CA PRO A 549 29.06 24.31 -9.48
C PRO A 549 28.08 24.93 -10.47
N HIS A 550 28.57 25.81 -11.31
CA HIS A 550 27.69 26.39 -12.29
C HIS A 550 27.80 25.49 -13.52
N GLN A 551 29.05 25.28 -13.93
CA GLN A 551 29.35 24.44 -15.09
C GLN A 551 30.38 23.37 -14.74
N ILE A 552 30.19 22.19 -15.31
CA ILE A 552 31.10 21.07 -15.11
C ILE A 552 31.56 20.65 -16.50
N ARG A 553 32.86 20.48 -16.67
CA ARG A 553 33.42 20.09 -17.95
C ARG A 553 34.33 18.88 -17.83
N GLY A 554 34.05 17.85 -18.60
CA GLY A 554 34.86 16.64 -18.52
C GLY A 554 35.55 16.25 -19.81
N PHE A 555 36.69 15.60 -19.67
CA PHE A 555 37.49 15.16 -20.81
C PHE A 555 37.99 13.73 -20.60
N LEU A 556 37.69 12.87 -21.56
CA LEU A 556 38.09 11.47 -21.46
C LEU A 556 39.55 11.13 -21.76
N HIS A 557 40.14 11.74 -22.80
CA HIS A 557 41.52 11.40 -23.12
C HIS A 557 42.49 11.62 -21.96
N ASN A 558 42.13 12.50 -21.03
CA ASN A 558 43.00 12.75 -19.89
C ASN A 558 42.32 12.43 -18.55
N PHE A 559 41.04 12.07 -18.59
CA PHE A 559 40.30 11.76 -17.38
C PHE A 559 40.40 12.93 -16.43
N SER A 560 39.65 13.99 -16.72
CA SER A 560 39.69 15.18 -15.90
C SER A 560 38.34 15.85 -15.84
N ILE A 561 38.20 16.79 -14.92
CA ILE A 561 36.96 17.53 -14.79
C ILE A 561 37.33 18.95 -14.41
N LEU A 562 36.53 19.90 -14.85
CA LEU A 562 36.77 21.29 -14.53
C LEU A 562 35.46 21.93 -14.17
N LYS A 563 35.51 22.87 -13.24
CA LYS A 563 34.30 23.58 -12.85
C LYS A 563 34.52 25.04 -13.20
N LEU A 564 33.61 25.60 -13.98
CA LEU A 564 33.73 26.98 -14.36
C LEU A 564 32.42 27.69 -14.08
N GLU A 565 32.50 28.98 -13.79
CA GLU A 565 31.34 29.78 -13.52
C GLU A 565 31.38 30.95 -14.49
N THR A 566 30.21 31.34 -14.99
CA THR A 566 30.14 32.45 -15.93
C THR A 566 28.89 33.31 -15.70
N PRO A 567 29.10 34.63 -15.57
CA PRO A 567 28.06 35.62 -15.33
C PRO A 567 27.13 35.84 -16.50
N ALA A 568 25.88 36.17 -16.21
CA ALA A 568 24.90 36.44 -17.25
C ALA A 568 25.51 37.53 -18.12
N TYR A 569 25.33 37.40 -19.43
CA TYR A 569 25.87 38.35 -20.38
C TYR A 569 24.75 39.31 -20.81
N GLU A 570 25.12 40.57 -21.01
CA GLU A 570 24.16 41.62 -21.37
C GLU A 570 23.46 41.47 -22.72
N HIS A 571 24.19 40.96 -23.72
CA HIS A 571 23.59 40.79 -25.04
C HIS A 571 23.35 39.34 -25.43
N CYS A 572 23.15 38.47 -24.44
CA CYS A 572 22.85 37.06 -24.71
C CYS A 572 21.55 36.95 -25.48
N PRO A 573 21.52 36.12 -26.53
CA PRO A 573 20.31 35.95 -27.33
C PRO A 573 19.21 35.13 -26.68
N ALA A 574 19.35 34.82 -25.39
CA ALA A 574 18.36 33.99 -24.71
C ALA A 574 17.83 34.53 -23.37
N CYS A 575 18.74 34.99 -22.51
CA CYS A 575 18.35 35.52 -21.22
C CYS A 575 18.54 37.04 -21.07
N SER A 576 19.00 37.70 -22.12
CA SER A 576 19.21 39.15 -22.10
C SER A 576 17.86 39.84 -21.87
N PRO A 577 17.84 40.92 -21.07
CA PRO A 577 16.63 41.69 -20.75
C PRO A 577 15.79 42.04 -21.97
N LYS A 578 16.48 42.46 -23.03
CA LYS A 578 15.83 42.84 -24.27
C LYS A 578 15.05 41.67 -24.87
N VAL A 579 15.68 40.49 -24.87
CA VAL A 579 15.09 39.26 -25.41
C VAL A 579 13.85 38.83 -24.64
N ILE A 580 14.00 38.72 -23.32
CA ILE A 580 12.91 38.32 -22.46
C ILE A 580 11.78 39.29 -22.72
N GLU A 581 12.14 40.57 -22.74
CA GLU A 581 11.17 41.63 -22.99
C GLU A 581 10.39 41.28 -24.25
N ALA A 582 11.12 41.14 -25.36
CA ALA A 582 10.52 40.82 -26.64
C ALA A 582 9.49 39.68 -26.59
N PHE A 583 9.88 38.53 -26.04
CA PHE A 583 8.99 37.37 -25.94
C PHE A 583 7.75 37.68 -25.11
N THR A 584 7.95 38.50 -24.08
CA THR A 584 6.88 38.91 -23.19
C THR A 584 5.88 39.77 -23.96
N ASP A 585 6.40 40.79 -24.63
CA ASP A 585 5.60 41.73 -25.39
C ASP A 585 4.84 41.12 -26.57
N LEU A 586 5.59 40.54 -27.52
CA LEU A 586 4.99 39.93 -28.73
C LEU A 586 4.57 38.47 -28.62
N GLY A 587 5.45 37.61 -28.09
CA GLY A 587 5.13 36.20 -27.95
C GLY A 587 5.55 35.32 -29.12
N TRP A 588 4.65 34.44 -29.57
CA TRP A 588 4.93 33.53 -30.67
C TRP A 588 5.42 34.26 -31.92
N GLU A 589 4.77 35.38 -32.27
CA GLU A 589 5.21 36.13 -33.43
C GLU A 589 6.72 36.36 -33.33
N PHE A 590 7.19 36.59 -32.12
CA PHE A 590 8.63 36.81 -31.91
C PHE A 590 9.41 35.54 -32.15
N VAL A 591 8.95 34.44 -31.55
CA VAL A 591 9.62 33.15 -31.70
C VAL A 591 9.70 32.79 -33.18
N LYS A 592 8.53 32.63 -33.82
CA LYS A 592 8.45 32.29 -35.23
C LYS A 592 9.52 33.06 -36.02
N LYS A 593 9.54 34.37 -35.84
CA LYS A 593 10.50 35.22 -36.52
C LYS A 593 11.94 34.91 -36.13
N ALA A 594 12.16 34.73 -34.83
CA ALA A 594 13.49 34.42 -34.33
C ALA A 594 14.00 33.10 -34.88
N LEU A 595 13.14 32.08 -34.86
CA LEU A 595 13.49 30.75 -35.35
C LEU A 595 13.94 30.79 -36.81
N GLU A 596 13.16 31.42 -37.67
CA GLU A 596 13.51 31.52 -39.08
C GLU A 596 14.65 32.48 -39.37
N HIS A 597 14.79 33.53 -38.55
CA HIS A 597 15.85 34.51 -38.78
C HIS A 597 16.66 34.83 -37.54
N PRO A 598 17.77 34.09 -37.31
CA PRO A 598 18.68 34.25 -36.16
C PRO A 598 19.31 35.63 -36.05
N LEU A 599 19.62 36.21 -37.20
CA LEU A 599 20.21 37.53 -37.23
C LEU A 599 19.33 38.49 -36.44
N TYR A 600 18.03 38.27 -36.54
CA TYR A 600 17.02 39.09 -35.86
C TYR A 600 17.26 39.16 -34.37
N LEU A 601 17.46 37.99 -33.76
CA LEU A 601 17.71 37.91 -32.34
C LEU A 601 18.91 38.78 -31.96
N GLU A 602 19.96 38.74 -32.77
CA GLU A 602 21.16 39.52 -32.54
C GLU A 602 20.92 41.04 -32.58
N GLU A 603 19.89 41.46 -33.30
CA GLU A 603 19.58 42.88 -33.35
C GLU A 603 18.92 43.20 -32.02
N ILE A 604 17.95 42.38 -31.64
CA ILE A 604 17.23 42.55 -30.39
C ILE A 604 18.17 42.53 -29.19
N SER A 605 19.01 41.51 -29.10
CA SER A 605 19.96 41.39 -27.99
C SER A 605 20.92 42.59 -27.93
N GLY A 606 21.49 42.94 -29.08
CA GLY A 606 22.43 44.05 -29.15
C GLY A 606 23.85 43.70 -29.54
N LEU A 607 24.05 42.49 -30.10
CA LEU A 607 25.37 42.03 -30.55
C LEU A 607 25.77 42.82 -31.78
N SER A 608 24.75 43.26 -32.54
CA SER A 608 24.95 44.07 -33.71
C SER A 608 25.83 45.29 -33.34
ZN ZN B . 22.44 34.13 -21.38
ZN ZN C . -31.78 -40.71 29.59
#